data_9HX4
#
_entry.id   9HX4
#
_cell.length_a   1.00
_cell.length_b   1.00
_cell.length_c   1.00
_cell.angle_alpha   90.00
_cell.angle_beta   90.00
_cell.angle_gamma   90.00
#
_symmetry.space_group_name_H-M   'P 1'
#
_entity_poly.entity_id   1
_entity_poly.type   'polypeptide(L)'
_entity_poly.pdbx_seq_one_letter_code
;MFLKAVVLTLALVAVAGARAEVSADQVATVMWDYFSQLSNNAKEAVEHLQKSELTQQLNALFQDKLGEVNTYAGDLQKKL
VPFATELHERLAKDSEKLKEEIGKELEELRARLLPHANEVSQKIGDNLRELQQRLEPYADQLRTQVSTQAEQLRRQLTPY
AQRMERVLRENADSLQASLRPHADELKAKIDQNVEELKGRLTPYADEFKVKIDQTVEELRRSLAPYAQDTQEKLNHQLEG
LTFQMKKNAEELKARISASAEELRQRLAPLAEDVRGNLRGNTEGLQKSLAELGGHLDQQVEEFRRRVEPYGENFNKALVQ
QMEQLRQKLGPHAGDVEGHLSFLEKDLRDKVNSFFSTFKEKESQDKTLSLPELEQQQEQQQEQQQEQVQMLAPLES
;
_entity_poly.pdbx_strand_id   F,E,B,A,C,D,G,H,I,J
#
# COMPACT_ATOMS: atom_id res chain seq x y z
N GLU A 21 24.73 19.12 -35.89
CA GLU A 21 24.31 18.70 -34.56
C GLU A 21 25.37 19.06 -33.52
N VAL A 22 25.07 20.07 -32.70
CA VAL A 22 25.98 20.55 -31.67
C VAL A 22 25.17 20.94 -30.45
N SER A 23 25.72 20.73 -29.27
CA SER A 23 25.06 21.05 -28.01
C SER A 23 26.11 21.53 -27.02
N ALA A 24 25.98 22.79 -26.58
CA ALA A 24 26.87 23.37 -25.58
C ALA A 24 26.05 24.29 -24.68
N ASP A 25 25.51 23.72 -23.61
CA ASP A 25 24.60 24.42 -22.71
C ASP A 25 25.21 24.54 -21.33
N GLN A 26 24.86 25.63 -20.64
CA GLN A 26 25.26 25.85 -19.25
C GLN A 26 24.08 25.43 -18.38
N VAL A 27 23.90 24.13 -18.23
CA VAL A 27 22.77 23.56 -17.50
C VAL A 27 23.14 23.48 -16.03
N ALA A 28 22.30 24.05 -15.17
CA ALA A 28 22.46 23.97 -13.72
C ALA A 28 21.15 23.50 -13.13
N THR A 29 21.22 22.45 -12.32
CA THR A 29 20.03 21.85 -11.71
C THR A 29 20.26 21.69 -10.22
N VAL A 30 19.28 22.13 -9.43
CA VAL A 30 19.31 22.02 -7.98
C VAL A 30 17.96 21.47 -7.52
N MET A 31 18.00 20.47 -6.64
CA MET A 31 16.80 19.82 -6.15
C MET A 31 16.97 19.53 -4.66
N TRP A 32 16.22 20.26 -3.83
CA TRP A 32 16.22 20.07 -2.39
C TRP A 32 14.85 19.58 -1.95
N ASP A 33 14.84 18.52 -1.14
CA ASP A 33 13.61 17.89 -0.68
C ASP A 33 12.78 17.41 -1.86
N TYR A 34 13.41 16.59 -2.70
CA TYR A 34 12.81 16.08 -3.91
C TYR A 34 12.23 14.69 -3.66
N PHE A 35 11.03 14.44 -4.19
CA PHE A 35 10.37 13.15 -4.08
C PHE A 35 9.71 12.82 -5.41
N SER A 36 10.15 11.73 -6.03
CA SER A 36 9.61 11.35 -7.34
C SER A 36 9.87 9.88 -7.63
N GLN A 37 8.81 9.06 -7.63
CA GLN A 37 8.99 7.64 -7.86
C GLN A 37 9.53 7.37 -9.26
N LEU A 38 9.41 8.33 -10.17
CA LEU A 38 9.93 8.21 -11.52
C LEU A 38 10.36 9.58 -12.02
N SER A 39 11.57 9.68 -12.56
CA SER A 39 12.12 10.96 -12.95
C SER A 39 13.16 10.76 -14.06
N ASN A 40 13.58 11.87 -14.65
CA ASN A 40 14.65 11.88 -15.64
C ASN A 40 15.44 13.18 -15.43
N ASN A 41 16.62 13.06 -14.83
CA ASN A 41 17.41 14.22 -14.44
C ASN A 41 18.56 14.52 -15.39
N ALA A 42 18.58 13.90 -16.58
CA ALA A 42 19.65 14.11 -17.54
C ALA A 42 19.11 13.97 -18.95
N LYS A 43 19.77 14.63 -19.89
CA LYS A 43 19.23 14.77 -21.24
C LYS A 43 19.27 13.43 -21.97
N GLU A 44 18.36 13.28 -22.94
CA GLU A 44 18.27 12.07 -23.75
C GLU A 44 18.01 10.84 -22.87
N ALA A 45 17.39 11.08 -21.71
CA ALA A 45 17.03 10.00 -20.80
C ALA A 45 15.74 9.35 -21.29
N VAL A 46 15.72 8.02 -21.33
CA VAL A 46 14.57 7.26 -21.81
C VAL A 46 14.15 6.29 -20.71
N GLU A 47 12.84 6.18 -20.50
CA GLU A 47 12.27 5.30 -19.49
C GLU A 47 11.05 4.61 -20.11
N HIS A 48 11.27 3.45 -20.71
CA HIS A 48 10.23 2.71 -21.40
C HIS A 48 9.67 1.64 -20.47
N LEU A 49 8.35 1.59 -20.34
CA LEU A 49 7.66 0.62 -19.50
C LEU A 49 6.66 -0.16 -20.34
N GLN A 50 6.50 -1.43 -20.02
CA GLN A 50 5.58 -2.31 -20.75
C GLN A 50 4.98 -3.31 -19.78
N LYS A 51 3.69 -3.17 -19.50
CA LYS A 51 2.95 -4.13 -18.69
C LYS A 51 3.59 -4.29 -17.31
N SER A 52 4.16 -3.21 -16.80
CA SER A 52 4.82 -3.21 -15.49
C SER A 52 3.90 -2.59 -14.44
N GLU A 53 4.18 -2.87 -13.17
CA GLU A 53 3.38 -2.38 -12.06
C GLU A 53 4.31 -1.91 -10.95
N LEU A 54 4.18 -0.64 -10.57
CA LEU A 54 4.96 -0.06 -9.49
C LEU A 54 4.02 0.41 -8.39
N THR A 55 4.59 0.73 -7.22
CA THR A 55 3.80 1.17 -6.09
C THR A 55 4.73 1.70 -4.99
N GLN A 56 4.24 2.71 -4.26
CA GLN A 56 4.96 3.31 -3.15
C GLN A 56 4.05 3.33 -1.94
N GLN A 57 4.63 3.13 -0.76
CA GLN A 57 3.86 3.05 0.48
C GLN A 57 4.65 3.67 1.63
N LEU A 58 4.07 4.71 2.24
CA LEU A 58 4.56 5.26 3.50
C LEU A 58 6.05 5.57 3.44
N ASN A 59 6.48 6.18 2.33
CA ASN A 59 7.88 6.54 2.14
C ASN A 59 8.12 7.93 2.71
N ALA A 60 9.28 8.11 3.34
CA ALA A 60 9.73 9.38 3.92
C ALA A 60 8.83 9.84 5.06
N LEU A 61 8.63 9.02 6.08
CA LEU A 61 7.77 9.39 7.20
C LEU A 61 8.60 9.90 8.37
N PHE A 62 8.06 10.90 9.07
CA PHE A 62 8.70 11.46 10.25
C PHE A 62 10.12 11.91 9.94
N GLN A 63 10.27 12.90 9.07
CA GLN A 63 11.57 13.40 8.66
C GLN A 63 11.72 14.84 9.14
N ASP A 64 12.94 15.19 9.56
CA ASP A 64 13.25 16.55 10.02
C ASP A 64 14.66 16.86 9.52
N LYS A 65 14.75 17.48 8.35
CA LYS A 65 16.02 17.75 7.70
C LYS A 65 16.17 19.24 7.44
N LEU A 66 17.35 19.61 6.93
CA LEU A 66 17.62 20.97 6.45
C LEU A 66 17.11 22.01 7.44
N GLY A 67 17.57 21.90 8.69
CA GLY A 67 17.17 22.86 9.71
C GLY A 67 17.57 24.27 9.34
N GLU A 68 18.77 24.43 8.77
CA GLU A 68 19.26 25.73 8.34
C GLU A 68 20.18 25.53 7.15
N VAL A 69 20.07 26.42 6.17
CA VAL A 69 20.87 26.34 4.94
C VAL A 69 21.43 27.71 4.63
N ASN A 70 22.73 27.77 4.33
CA ASN A 70 23.41 29.00 3.94
C ASN A 70 24.24 28.70 2.71
N THR A 71 24.09 29.53 1.68
CA THR A 71 24.80 29.35 0.42
C THR A 71 25.38 30.68 -0.02
N TYR A 72 26.59 30.65 -0.56
CA TYR A 72 27.28 31.84 -1.06
C TYR A 72 27.82 31.54 -2.45
N ALA A 73 27.24 32.18 -3.47
CA ALA A 73 27.65 31.99 -4.85
C ALA A 73 27.91 33.35 -5.48
N GLY A 74 29.06 33.49 -6.14
CA GLY A 74 29.34 34.72 -6.85
C GLY A 74 28.38 34.94 -8.00
N ASP A 75 28.17 33.91 -8.82
CA ASP A 75 27.15 33.95 -9.86
C ASP A 75 27.06 32.57 -10.49
N LEU A 76 25.84 32.18 -10.87
CA LEU A 76 25.61 30.81 -11.32
C LEU A 76 26.27 30.54 -12.66
N GLN A 77 26.06 31.42 -13.64
CA GLN A 77 26.49 31.14 -15.01
C GLN A 77 27.05 32.39 -15.64
N LYS A 78 27.92 32.19 -16.63
CA LYS A 78 28.55 33.29 -17.36
C LYS A 78 28.82 32.84 -18.78
N LYS A 79 29.05 33.82 -19.66
CA LYS A 79 29.43 33.55 -21.04
C LYS A 79 30.15 34.78 -21.58
N LEU A 80 31.46 34.66 -21.80
CA LEU A 80 32.28 35.73 -22.33
C LEU A 80 32.78 35.34 -23.71
N VAL A 81 32.56 36.20 -24.70
CA VAL A 81 33.01 35.95 -26.05
C VAL A 81 34.07 36.99 -26.44
N GLU B 21 -27.42 -39.32 -0.76
CA GLU B 21 -26.87 -38.00 -0.47
C GLU B 21 -27.81 -37.24 0.47
N VAL B 22 -27.41 -37.15 1.75
CA VAL B 22 -28.18 -36.46 2.77
C VAL B 22 -27.21 -35.69 3.64
N SER B 23 -27.69 -34.59 4.24
CA SER B 23 -26.88 -33.74 5.10
C SER B 23 -27.79 -33.08 6.13
N ALA B 24 -27.55 -33.39 7.41
CA ALA B 24 -28.29 -32.77 8.52
C ALA B 24 -27.30 -32.56 9.67
N ASP B 25 -26.66 -31.40 9.68
CA ASP B 25 -25.60 -31.10 10.63
C ASP B 25 -26.00 -29.96 11.55
N GLN B 26 -25.50 -30.01 12.79
CA GLN B 26 -25.67 -28.94 13.76
C GLN B 26 -24.41 -28.09 13.70
N VAL B 27 -24.40 -27.12 12.80
CA VAL B 27 -23.22 -26.29 12.53
C VAL B 27 -23.43 -24.94 13.18
N ALA B 28 -22.47 -24.52 14.00
CA ALA B 28 -22.47 -23.20 14.62
C ALA B 28 -21.10 -22.58 14.42
N THR B 29 -21.06 -21.36 13.90
CA THR B 29 -19.82 -20.66 13.62
C THR B 29 -19.87 -19.28 14.27
N VAL B 30 -18.82 -18.96 15.02
CA VAL B 30 -18.68 -17.67 15.69
C VAL B 30 -17.34 -17.07 15.30
N MET B 31 -17.37 -15.82 14.84
CA MET B 31 -16.16 -15.14 14.38
C MET B 31 -16.17 -13.72 14.93
N TRP B 32 -15.32 -13.45 15.92
CA TRP B 32 -15.14 -12.13 16.49
C TRP B 32 -13.76 -11.61 16.15
N ASP B 33 -13.70 -10.37 15.66
CA ASP B 33 -12.45 -9.76 15.22
C ASP B 33 -11.82 -10.60 14.10
N TYR B 34 -12.57 -10.73 13.01
CA TYR B 34 -12.19 -11.55 11.88
C TYR B 34 -11.70 -10.67 10.73
N PHE B 35 -10.55 -11.00 10.17
CA PHE B 35 -9.98 -10.28 9.04
C PHE B 35 -9.52 -11.29 8.00
N SER B 36 -10.11 -11.22 6.81
CA SER B 36 -9.78 -12.17 5.74
C SER B 36 -10.17 -11.63 4.38
N GLN B 37 -9.17 -11.27 3.56
CA GLN B 37 -9.49 -10.73 2.23
C GLN B 37 -10.26 -11.74 1.39
N LEU B 38 -10.02 -13.03 1.61
CA LEU B 38 -10.71 -14.09 0.88
C LEU B 38 -11.12 -15.17 1.86
N SER B 39 -12.39 -15.56 1.82
CA SER B 39 -12.93 -16.50 2.79
C SER B 39 -14.08 -17.28 2.18
N ASN B 40 -14.52 -18.30 2.92
CA ASN B 40 -15.67 -19.11 2.52
C ASN B 40 -16.35 -19.57 3.82
N ASN B 41 -17.47 -18.92 4.16
CA ASN B 41 -18.13 -19.14 5.44
C ASN B 41 -19.34 -20.06 5.33
N ALA B 42 -19.51 -20.76 4.21
CA ALA B 42 -20.67 -21.63 4.02
C ALA B 42 -20.28 -22.77 3.10
N LYS B 43 -21.01 -23.88 3.22
CA LYS B 43 -20.62 -25.11 2.55
C LYS B 43 -20.81 -25.02 1.04
N GLU B 44 -20.04 -25.83 0.32
CA GLU B 44 -20.08 -25.86 -1.15
C GLU B 44 -19.79 -24.48 -1.72
N ALA B 45 -18.96 -23.72 -1.03
CA ALA B 45 -18.54 -22.41 -1.50
C ALA B 45 -17.42 -22.60 -2.52
N VAL B 46 -17.51 -21.88 -3.63
CA VAL B 46 -16.55 -21.96 -4.73
C VAL B 46 -16.04 -20.56 -5.03
N GLU B 47 -14.73 -20.43 -5.20
CA GLU B 47 -14.08 -19.15 -5.48
C GLU B 47 -12.97 -19.42 -6.51
N HIS B 48 -13.30 -19.23 -7.77
CA HIS B 48 -12.37 -19.50 -8.87
C HIS B 48 -11.79 -18.20 -9.39
N LEU B 49 -10.47 -18.15 -9.52
CA LEU B 49 -9.77 -16.97 -10.00
C LEU B 49 -8.92 -17.36 -11.20
N GLN B 50 -8.81 -16.45 -12.16
CA GLN B 50 -8.05 -16.69 -13.40
C GLN B 50 -7.42 -15.38 -13.85
N LYS B 51 -6.09 -15.30 -13.75
CA LYS B 51 -5.36 -14.12 -14.19
C LYS B 51 -5.85 -12.85 -13.49
N SER B 52 -6.25 -12.99 -12.23
CA SER B 52 -6.80 -11.89 -11.45
C SER B 52 -5.78 -11.45 -10.40
N GLU B 53 -5.83 -10.17 -10.05
CA GLU B 53 -4.91 -9.57 -9.09
C GLU B 53 -5.72 -8.89 -7.99
N LEU B 54 -5.40 -9.21 -6.73
CA LEU B 54 -6.06 -8.63 -5.57
C LEU B 54 -5.00 -8.04 -4.64
N THR B 55 -5.41 -7.07 -3.83
CA THR B 55 -4.51 -6.40 -2.91
C THR B 55 -5.30 -5.74 -1.79
N GLN B 56 -4.69 -5.70 -0.60
CA GLN B 56 -5.27 -5.04 0.56
C GLN B 56 -4.20 -4.17 1.20
N GLN B 57 -4.56 -2.93 1.52
CA GLN B 57 -3.61 -1.96 2.07
C GLN B 57 -4.27 -1.17 3.19
N LEU B 58 -3.57 -1.08 4.33
CA LEU B 58 -3.93 -0.17 5.42
C LEU B 58 -5.40 -0.32 5.81
N ASN B 59 -5.83 -1.56 6.02
CA ASN B 59 -7.21 -1.85 6.40
C ASN B 59 -7.29 -2.09 7.90
N ALA B 60 -8.40 -1.65 8.51
CA ALA B 60 -8.70 -1.84 9.92
C ALA B 60 -7.70 -1.11 10.83
N LEU B 61 -7.27 0.09 10.46
CA LEU B 61 -6.32 0.83 11.27
C LEU B 61 -7.03 1.59 12.39
N PHE B 62 -6.36 1.67 13.54
CA PHE B 62 -6.87 2.44 14.67
C PHE B 62 -8.28 2.04 15.05
N GLN B 63 -8.46 0.80 15.51
CA GLN B 63 -9.76 0.29 15.91
C GLN B 63 -9.74 -0.06 17.39
N ASP B 64 -10.90 0.07 18.04
CA ASP B 64 -11.05 -0.25 19.45
C ASP B 64 -12.48 -0.71 19.66
N LYS B 65 -12.68 -2.03 19.69
CA LYS B 65 -14.01 -2.62 19.74
C LYS B 65 -14.09 -3.65 20.86
N LEU B 66 -15.30 -4.14 21.08
CA LEU B 66 -15.56 -5.24 22.01
C LEU B 66 -14.85 -5.00 23.35
N GLY B 67 -15.07 -3.82 23.91
CA GLY B 67 -14.44 -3.48 25.18
C GLY B 67 -14.81 -4.47 26.28
N GLU B 68 -16.09 -4.83 26.36
CA GLU B 68 -16.56 -5.79 27.35
C GLU B 68 -17.64 -6.66 26.72
N VAL B 69 -17.64 -7.95 27.04
CA VAL B 69 -18.57 -8.90 26.48
C VAL B 69 -19.08 -9.80 27.60
N ASN B 70 -20.38 -10.08 27.59
CA ASN B 70 -21.00 -10.98 28.56
C ASN B 70 -22.02 -11.84 27.81
N THR B 71 -21.73 -13.13 27.72
CA THR B 71 -22.57 -14.07 26.98
C THR B 71 -23.12 -15.11 27.94
N TYR B 72 -24.40 -15.43 27.80
CA TYR B 72 -25.08 -16.43 28.63
C TYR B 72 -25.83 -17.39 27.71
N ALA B 73 -25.33 -18.62 27.60
CA ALA B 73 -25.93 -19.64 26.76
C ALA B 73 -26.20 -20.87 27.59
N GLY B 74 -27.42 -21.42 27.48
CA GLY B 74 -27.72 -22.66 28.18
C GLY B 74 -26.90 -23.82 27.65
N ASP B 75 -26.82 -23.96 26.33
CA ASP B 75 -25.93 -24.92 25.70
C ASP B 75 -26.00 -24.74 24.19
N LEU B 76 -24.87 -25.01 23.52
CA LEU B 76 -24.77 -24.69 22.11
C LEU B 76 -25.59 -25.66 21.26
N GLN B 77 -25.51 -26.96 21.53
CA GLN B 77 -26.10 -27.95 20.65
C GLN B 77 -26.65 -29.10 21.47
N LYS B 78 -27.61 -29.81 20.86
CA LYS B 78 -28.24 -30.96 21.50
C LYS B 78 -28.72 -31.93 20.42
N LYS B 79 -28.96 -33.17 20.83
CA LYS B 79 -29.52 -34.18 19.94
C LYS B 79 -30.19 -35.24 20.80
N LEU B 80 -31.52 -35.27 20.75
CA LEU B 80 -32.32 -36.22 21.51
C LEU B 80 -33.08 -37.11 20.55
N VAL B 81 -33.02 -38.42 20.78
CA VAL B 81 -33.72 -39.39 19.94
C VAL B 81 -34.77 -40.11 20.76
N GLU C 21 18.41 26.18 -37.54
CA GLU C 21 17.97 25.72 -36.23
C GLU C 21 19.00 26.06 -35.16
N VAL C 22 18.67 27.04 -34.33
CA VAL C 22 19.56 27.49 -33.27
C VAL C 22 18.70 27.85 -32.06
N SER C 23 19.24 27.62 -30.86
CA SER C 23 18.55 27.90 -29.60
C SER C 23 19.56 28.37 -28.58
N ALA C 24 19.42 29.61 -28.12
CA ALA C 24 20.29 30.17 -27.07
C ALA C 24 19.43 31.05 -26.18
N ASP C 25 18.87 30.45 -25.13
CA ASP C 25 17.94 31.13 -24.24
C ASP C 25 18.51 31.22 -22.85
N GLN C 26 18.14 32.28 -22.14
CA GLN C 26 18.50 32.48 -20.73
C GLN C 26 17.31 32.03 -19.89
N VAL C 27 17.14 30.71 -19.79
CA VAL C 27 15.99 30.11 -19.09
C VAL C 27 16.34 30.00 -17.62
N ALA C 28 15.47 30.53 -16.76
CA ALA C 28 15.60 30.43 -15.32
C ALA C 28 14.27 29.92 -14.76
N THR C 29 14.34 28.85 -13.98
CA THR C 29 13.14 28.22 -13.42
C THR C 29 13.34 28.03 -11.92
N VAL C 30 12.34 28.44 -11.14
CA VAL C 30 12.34 28.29 -9.69
C VAL C 30 10.99 27.72 -9.28
N MET C 31 11.01 26.70 -8.43
CA MET C 31 9.81 26.02 -7.98
C MET C 31 9.95 25.70 -6.49
N TRP C 32 9.17 26.39 -5.66
CA TRP C 32 9.15 26.17 -4.23
C TRP C 32 7.77 25.64 -3.84
N ASP C 33 7.76 24.57 -3.06
CA ASP C 33 6.52 23.91 -2.63
C ASP C 33 5.73 23.46 -3.86
N TYR C 34 6.38 22.66 -4.69
CA TYR C 34 5.81 22.18 -5.94
C TYR C 34 5.25 20.78 -5.73
N PHE C 35 4.06 20.53 -6.29
CA PHE C 35 3.41 19.23 -6.22
C PHE C 35 2.79 18.93 -7.58
N SER C 36 3.25 17.85 -8.22
CA SER C 36 2.75 17.51 -9.54
C SER C 36 3.03 16.05 -9.87
N GLN C 37 1.98 15.22 -9.92
CA GLN C 37 2.18 13.79 -10.18
C GLN C 37 2.75 13.57 -11.58
N LEU C 38 2.65 14.57 -12.46
CA LEU C 38 3.19 14.48 -13.81
C LEU C 38 3.61 15.87 -14.25
N SER C 39 4.84 15.99 -14.77
CA SER C 39 5.39 17.29 -15.12
C SER C 39 6.45 17.12 -16.19
N ASN C 40 6.88 18.27 -16.75
CA ASN C 40 7.97 18.31 -17.71
C ASN C 40 8.74 19.61 -17.45
N ASN C 41 9.91 19.48 -16.84
CA ASN C 41 10.67 20.64 -16.39
C ASN C 41 11.84 20.97 -17.32
N ALA C 42 11.89 20.39 -18.51
CA ALA C 42 12.98 20.63 -19.44
C ALA C 42 12.47 20.53 -20.87
N LYS C 43 13.14 21.22 -21.78
CA LYS C 43 12.64 21.38 -23.14
C LYS C 43 12.71 20.07 -23.90
N GLU C 44 11.82 19.94 -24.89
CA GLU C 44 11.76 18.74 -25.74
C GLU C 44 11.49 17.50 -24.90
N ALA C 45 10.85 17.69 -23.75
CA ALA C 45 10.48 16.58 -22.87
C ALA C 45 9.20 15.94 -23.41
N VAL C 46 9.20 14.61 -23.47
CA VAL C 46 8.08 13.84 -24.00
C VAL C 46 7.64 12.84 -22.94
N GLU C 47 6.33 12.72 -22.76
CA GLU C 47 5.74 11.79 -21.79
C GLU C 47 4.54 11.11 -22.46
N HIS C 48 4.79 9.98 -23.08
CA HIS C 48 3.77 9.23 -23.81
C HIS C 48 3.21 8.14 -22.93
N LEU C 49 1.89 8.07 -22.83
CA LEU C 49 1.19 7.07 -22.02
C LEU C 49 0.22 6.31 -22.91
N GLN C 50 0.05 5.02 -22.62
CA GLN C 50 -0.83 4.16 -23.40
C GLN C 50 -1.44 3.12 -22.47
N LYS C 51 -2.74 3.25 -22.22
CA LYS C 51 -3.48 2.25 -21.44
C LYS C 51 -2.88 2.06 -20.05
N SER C 52 -2.32 3.13 -19.49
CA SER C 52 -1.70 3.11 -18.18
C SER C 52 -2.65 3.69 -17.14
N GLU C 53 -2.39 3.38 -15.87
CA GLU C 53 -3.22 3.84 -14.76
C GLU C 53 -2.32 4.29 -13.62
N LEU C 54 -2.48 5.55 -13.21
CA LEU C 54 -1.72 6.11 -12.10
C LEU C 54 -2.69 6.54 -11.01
N THR C 55 -2.15 6.84 -9.83
CA THR C 55 -2.97 7.24 -8.69
C THR C 55 -2.08 7.75 -7.57
N GLN C 56 -2.59 8.72 -6.82
CA GLN C 56 -1.90 9.30 -5.68
C GLN C 56 -2.84 9.29 -4.49
N GLN C 57 -2.29 9.06 -3.29
CA GLN C 57 -3.08 8.95 -2.08
C GLN C 57 -2.33 9.55 -0.90
N LEU C 58 -2.94 10.56 -0.28
CA LEU C 58 -2.48 11.08 1.02
C LEU C 58 -0.99 11.41 1.00
N ASN C 59 -0.54 12.05 -0.08
CA ASN C 59 0.85 12.44 -0.24
C ASN C 59 1.08 13.81 0.37
N ALA C 60 2.22 13.98 1.04
CA ALA C 60 2.63 15.24 1.66
C ALA C 60 1.71 15.67 2.79
N LEU C 61 1.49 14.81 3.78
CA LEU C 61 0.61 15.15 4.90
C LEU C 61 1.40 15.65 6.09
N PHE C 62 0.83 16.61 6.81
CA PHE C 62 1.44 17.16 8.01
C PHE C 62 2.86 17.62 7.74
N GLN C 63 3.01 18.64 6.90
CA GLN C 63 4.33 19.17 6.54
C GLN C 63 4.46 20.59 7.05
N ASP C 64 5.65 20.94 7.52
CA ASP C 64 5.94 22.29 8.01
C ASP C 64 7.36 22.62 7.56
N LYS C 65 7.47 23.29 6.40
CA LYS C 65 8.75 23.58 5.79
C LYS C 65 8.89 25.08 5.57
N LEU C 66 10.07 25.48 5.10
CA LEU C 66 10.33 26.85 4.67
C LEU C 66 9.80 27.87 5.67
N GLY C 67 10.22 27.72 6.93
CA GLY C 67 9.79 28.64 7.95
C GLY C 67 10.19 30.08 7.64
N GLU C 68 11.39 30.26 7.08
CA GLU C 68 11.89 31.58 6.72
C GLU C 68 12.84 31.42 5.53
N VAL C 69 12.74 32.32 4.56
CA VAL C 69 13.56 32.28 3.36
C VAL C 69 14.12 33.67 3.10
N ASN C 70 15.42 33.75 2.83
CA ASN C 70 16.09 35.00 2.49
C ASN C 70 16.96 34.74 1.27
N THR C 71 16.82 35.59 0.26
CA THR C 71 17.56 35.46 -0.99
C THR C 71 18.13 36.81 -1.39
N TYR C 72 19.36 36.80 -1.90
CA TYR C 72 20.04 38.01 -2.35
C TYR C 72 20.62 37.75 -3.73
N ALA C 73 20.05 38.40 -4.75
CA ALA C 73 20.50 38.26 -6.12
C ALA C 73 20.76 39.64 -6.70
N GLY C 74 21.93 39.81 -7.34
CA GLY C 74 22.20 41.06 -8.01
C GLY C 74 21.27 41.30 -9.18
N ASP C 75 21.08 40.29 -10.03
CA ASP C 75 20.09 40.35 -11.09
C ASP C 75 20.03 38.98 -11.76
N LEU C 76 18.82 38.59 -12.17
CA LEU C 76 18.62 37.23 -12.66
C LEU C 76 19.31 37.00 -14.00
N GLN C 77 19.12 37.90 -14.96
CA GLN C 77 19.58 37.66 -16.32
C GLN C 77 20.13 38.94 -16.91
N LYS C 78 21.03 38.77 -17.90
CA LYS C 78 21.66 39.89 -18.57
C LYS C 78 21.98 39.49 -20.00
N LYS C 79 22.22 40.50 -20.85
CA LYS C 79 22.62 40.25 -22.23
C LYS C 79 23.33 41.51 -22.72
N LEU C 80 24.65 41.40 -22.90
CA LEU C 80 25.48 42.51 -23.40
C LEU C 80 26.02 42.15 -24.77
N VAL C 81 25.80 43.03 -25.73
CA VAL C 81 26.29 42.84 -27.09
C VAL C 81 27.34 43.89 -27.43
N GLU D 21 -33.94 -33.70 -5.19
CA GLU D 21 -33.41 -32.39 -4.84
C GLU D 21 -34.37 -31.66 -3.90
N VAL D 22 -34.00 -31.61 -2.62
CA VAL D 22 -34.80 -30.95 -1.60
C VAL D 22 -33.86 -30.19 -0.68
N SER D 23 -34.37 -29.11 -0.07
CA SER D 23 -33.59 -28.28 0.84
C SER D 23 -34.52 -27.65 1.86
N ALA D 24 -34.32 -28.00 3.14
CA ALA D 24 -35.08 -27.41 4.24
C ALA D 24 -34.12 -27.23 5.42
N ASP D 25 -33.49 -26.06 5.49
CA ASP D 25 -32.45 -25.78 6.47
C ASP D 25 -32.90 -24.67 7.40
N GLN D 26 -32.42 -24.75 8.64
CA GLN D 26 -32.62 -23.70 9.64
C GLN D 26 -31.36 -22.84 9.65
N VAL D 27 -31.34 -21.84 8.77
CA VAL D 27 -30.17 -21.01 8.56
C VAL D 27 -30.40 -19.67 9.23
N ALA D 28 -29.47 -19.27 10.08
CA ALA D 28 -29.49 -17.97 10.74
C ALA D 28 -28.12 -17.33 10.60
N THR D 29 -28.09 -16.10 10.11
CA THR D 29 -26.83 -15.38 9.87
C THR D 29 -26.91 -14.02 10.56
N VAL D 30 -25.89 -13.71 11.35
CA VAL D 30 -25.77 -12.44 12.05
C VAL D 30 -24.44 -11.82 11.70
N MET D 31 -24.45 -10.56 11.29
CA MET D 31 -23.23 -9.85 10.87
C MET D 31 -23.28 -8.45 11.46
N TRP D 32 -22.44 -8.21 12.48
CA TRP D 32 -22.30 -6.89 13.09
C TRP D 32 -20.91 -6.36 12.79
N ASP D 33 -20.85 -5.11 12.33
CA ASP D 33 -19.60 -4.47 11.94
C ASP D 33 -18.93 -5.27 10.82
N TYR D 34 -19.66 -5.39 9.71
CA TYR D 34 -19.23 -6.17 8.56
C TYR D 34 -18.74 -5.25 7.46
N PHE D 35 -17.57 -5.57 6.92
CA PHE D 35 -16.98 -4.81 5.82
C PHE D 35 -16.48 -5.79 4.76
N SER D 36 -17.04 -5.69 3.56
CA SER D 36 -16.67 -6.61 2.48
C SER D 36 -17.03 -6.04 1.11
N GLN D 37 -16.03 -5.65 0.32
CA GLN D 37 -16.30 -5.07 -0.99
C GLN D 37 -17.05 -6.06 -1.87
N LEU D 38 -16.81 -7.36 -1.69
CA LEU D 38 -17.46 -8.40 -2.46
C LEU D 38 -17.90 -9.51 -1.51
N SER D 39 -19.16 -9.91 -1.60
CA SER D 39 -19.72 -10.88 -0.66
C SER D 39 -20.84 -11.65 -1.33
N ASN D 40 -21.30 -12.70 -0.63
CA ASN D 40 -22.43 -13.51 -1.08
C ASN D 40 -23.13 -14.00 0.19
N ASN D 41 -24.26 -13.37 0.52
CA ASN D 41 -24.95 -13.64 1.78
C ASN D 41 -26.16 -14.56 1.61
N ALA D 42 -26.31 -15.22 0.47
CA ALA D 42 -27.43 -16.10 0.23
C ALA D 42 -27.02 -17.22 -0.71
N LYS D 43 -27.76 -18.33 -0.64
CA LYS D 43 -27.33 -19.55 -1.32
C LYS D 43 -27.48 -19.41 -2.83
N GLU D 44 -26.69 -20.20 -3.56
CA GLU D 44 -26.70 -20.19 -5.02
C GLU D 44 -26.40 -18.79 -5.57
N ALA D 45 -25.60 -18.03 -4.83
CA ALA D 45 -25.17 -16.71 -5.25
C ALA D 45 -24.03 -16.86 -6.25
N VAL D 46 -24.10 -16.11 -7.35
CA VAL D 46 -23.11 -16.17 -8.41
C VAL D 46 -22.60 -14.75 -8.67
N GLU D 47 -21.29 -14.61 -8.80
CA GLU D 47 -20.64 -13.32 -9.03
C GLU D 47 -19.51 -13.55 -10.03
N HIS D 48 -19.80 -13.33 -11.30
CA HIS D 48 -18.85 -13.56 -12.39
C HIS D 48 -18.27 -12.24 -12.85
N LEU D 49 -16.94 -12.17 -12.95
CA LEU D 49 -16.24 -10.99 -13.39
C LEU D 49 -15.35 -11.33 -14.57
N GLN D 50 -15.23 -10.40 -15.51
CA GLN D 50 -14.45 -10.60 -16.73
C GLN D 50 -13.82 -9.27 -17.12
N LYS D 51 -12.49 -9.18 -17.00
CA LYS D 51 -11.75 -7.99 -17.39
C LYS D 51 -12.28 -6.74 -16.68
N SER D 52 -12.70 -6.92 -15.43
CA SER D 52 -13.27 -5.84 -14.63
C SER D 52 -12.29 -5.42 -13.55
N GLU D 53 -12.36 -4.15 -13.16
CA GLU D 53 -11.48 -3.57 -12.15
C GLU D 53 -12.31 -2.92 -11.05
N LEU D 54 -12.01 -3.28 -9.80
CA LEU D 54 -12.70 -2.74 -8.64
C LEU D 54 -11.68 -2.16 -7.67
N THR D 55 -12.12 -1.21 -6.86
CA THR D 55 -11.24 -0.57 -5.89
C THR D 55 -12.06 0.06 -4.77
N GLN D 56 -11.49 0.07 -3.57
CA GLN D 56 -12.09 0.69 -2.40
C GLN D 56 -11.05 1.55 -1.70
N GLN D 57 -11.42 2.79 -1.36
CA GLN D 57 -10.50 3.75 -0.78
C GLN D 57 -11.19 4.50 0.36
N LEU D 58 -10.52 4.55 1.51
CA LEU D 58 -10.92 5.44 2.61
C LEU D 58 -12.39 5.26 2.97
N ASN D 59 -12.82 4.01 3.14
CA ASN D 59 -14.20 3.70 3.48
C ASN D 59 -14.32 3.43 4.97
N ALA D 60 -15.44 3.84 5.56
CA ALA D 60 -15.77 3.62 6.96
C ALA D 60 -14.81 4.32 7.91
N LEU D 61 -14.39 5.54 7.58
CA LEU D 61 -13.46 6.26 8.43
C LEU D 61 -14.21 6.98 9.56
N PHE D 62 -13.56 7.05 10.73
CA PHE D 62 -14.09 7.78 11.87
C PHE D 62 -15.52 7.35 12.20
N GLN D 63 -15.70 6.10 12.60
CA GLN D 63 -17.00 5.58 12.96
C GLN D 63 -17.01 5.18 14.44
N ASP D 64 -18.18 5.28 15.06
CA ASP D 64 -18.37 4.93 16.46
C ASP D 64 -19.80 4.44 16.63
N LYS D 65 -19.99 3.13 16.61
CA LYS D 65 -21.33 2.53 16.61
C LYS D 65 -21.42 1.47 17.70
N LEU D 66 -22.64 0.96 17.89
CA LEU D 66 -22.90 -0.16 18.78
C LEU D 66 -22.23 0.04 20.14
N GLY D 67 -22.47 1.21 20.72
CA GLY D 67 -21.87 1.51 22.02
C GLY D 67 -22.27 0.51 23.09
N GLU D 68 -23.53 0.12 23.12
CA GLU D 68 -24.03 -0.87 24.07
C GLU D 68 -25.08 -1.72 23.39
N VAL D 69 -25.07 -3.02 23.68
CA VAL D 69 -25.99 -3.97 23.07
C VAL D 69 -26.52 -4.90 24.16
N ASN D 70 -27.81 -5.19 24.11
CA ASN D 70 -28.45 -6.12 25.03
C ASN D 70 -29.44 -6.97 24.24
N THR D 71 -29.15 -8.26 24.11
CA THR D 71 -29.96 -9.17 23.34
C THR D 71 -30.52 -10.25 24.25
N TYR D 72 -31.81 -10.58 24.08
CA TYR D 72 -32.49 -11.60 24.86
C TYR D 72 -33.20 -12.53 23.90
N ALA D 73 -32.70 -13.75 23.76
CA ALA D 73 -33.27 -14.76 22.88
C ALA D 73 -33.55 -16.03 23.67
N GLY D 74 -34.76 -16.57 23.52
CA GLY D 74 -35.07 -17.84 24.17
C GLY D 74 -34.23 -18.97 23.64
N ASP D 75 -34.12 -19.07 22.31
CA ASP D 75 -33.20 -20.02 21.69
C ASP D 75 -33.23 -19.78 20.18
N LEU D 76 -32.09 -20.03 19.53
CA LEU D 76 -31.95 -19.68 18.12
C LEU D 76 -32.75 -20.62 17.23
N GLN D 77 -32.66 -21.93 17.47
CA GLN D 77 -33.22 -22.90 16.55
C GLN D 77 -33.79 -24.09 17.32
N LYS D 78 -34.72 -24.79 16.68
CA LYS D 78 -35.36 -25.96 17.26
C LYS D 78 -35.80 -26.88 16.15
N LYS D 79 -36.04 -28.15 16.53
CA LYS D 79 -36.57 -29.13 15.58
C LYS D 79 -37.27 -30.22 16.41
N LEU D 80 -38.59 -30.26 16.33
CA LEU D 80 -39.40 -31.24 17.03
C LEU D 80 -40.14 -32.11 16.03
N VAL D 81 -40.06 -33.43 16.22
CA VAL D 81 -40.73 -34.38 15.35
C VAL D 81 -41.80 -35.14 16.12
N GLU E 21 -30.74 -36.49 -2.96
CA GLU E 21 -30.19 -35.18 -2.64
C GLU E 21 -31.13 -34.43 -1.70
N VAL E 22 -30.75 -34.37 -0.43
CA VAL E 22 -31.54 -33.69 0.60
C VAL E 22 -30.58 -32.92 1.50
N SER E 23 -31.08 -31.84 2.10
CA SER E 23 -30.28 -30.99 2.99
C SER E 23 -31.21 -30.35 4.01
N ALA E 24 -30.98 -30.67 5.29
CA ALA E 24 -31.73 -30.07 6.39
C ALA E 24 -30.75 -29.87 7.55
N ASP E 25 -30.11 -28.71 7.60
CA ASP E 25 -29.07 -28.42 8.56
C ASP E 25 -29.49 -27.30 9.49
N GLN E 26 -29.00 -27.36 10.73
CA GLN E 26 -29.18 -26.30 11.71
C GLN E 26 -27.92 -25.45 11.69
N VAL E 27 -27.91 -24.46 10.79
CA VAL E 27 -26.74 -23.63 10.55
C VAL E 27 -26.96 -22.28 11.21
N ALA E 28 -26.00 -21.87 12.05
CA ALA E 28 -26.02 -20.56 12.69
C ALA E 28 -24.65 -19.94 12.51
N THR E 29 -24.61 -18.71 12.00
CA THR E 29 -23.36 -18.00 11.75
C THR E 29 -23.42 -16.63 12.42
N VAL E 30 -22.39 -16.32 13.19
CA VAL E 30 -22.26 -15.03 13.87
C VAL E 30 -20.91 -14.43 13.50
N MET E 31 -20.94 -13.17 13.06
CA MET E 31 -19.73 -12.47 12.63
C MET E 31 -19.75 -11.06 13.19
N TRP E 32 -18.91 -10.80 14.19
CA TRP E 32 -18.75 -9.48 14.79
C TRP E 32 -17.36 -8.96 14.46
N ASP E 33 -17.30 -7.72 13.99
CA ASP E 33 -16.04 -7.10 13.57
C ASP E 33 -15.41 -7.92 12.45
N TYR E 34 -16.14 -8.04 11.36
CA TYR E 34 -15.74 -8.84 10.21
C TYR E 34 -15.25 -7.94 9.09
N PHE E 35 -14.09 -8.26 8.53
CA PHE E 35 -13.51 -7.54 7.41
C PHE E 35 -13.02 -8.52 6.37
N SER E 36 -13.61 -8.45 5.17
CA SER E 36 -13.25 -9.37 4.10
C SER E 36 -13.63 -8.82 2.74
N GLN E 37 -12.63 -8.45 1.93
CA GLN E 37 -12.93 -7.89 0.61
C GLN E 37 -13.69 -8.89 -0.25
N LEU E 38 -13.45 -10.17 -0.05
CA LEU E 38 -14.13 -11.23 -0.80
C LEU E 38 -14.54 -12.33 0.18
N SER E 39 -15.81 -12.73 0.10
CA SER E 39 -16.37 -13.67 1.06
C SER E 39 -17.50 -14.46 0.42
N ASN E 40 -17.95 -15.49 1.14
CA ASN E 40 -19.09 -16.29 0.73
C ASN E 40 -19.78 -16.77 2.00
N ASN E 41 -20.90 -16.13 2.34
CA ASN E 41 -21.58 -16.38 3.61
C ASN E 41 -22.79 -17.29 3.48
N ALA E 42 -22.95 -17.98 2.34
CA ALA E 42 -24.09 -18.85 2.12
C ALA E 42 -23.70 -19.99 1.19
N LYS E 43 -24.43 -21.09 1.29
CA LYS E 43 -24.02 -22.32 0.62
C LYS E 43 -24.19 -22.21 -0.89
N GLU E 44 -23.40 -23.00 -1.62
CA GLU E 44 -23.44 -23.02 -3.07
C GLU E 44 -23.14 -21.63 -3.64
N ALA E 45 -22.32 -20.86 -2.92
CA ALA E 45 -21.90 -19.54 -3.37
C ALA E 45 -20.76 -19.71 -4.39
N VAL E 46 -20.85 -18.98 -5.49
CA VAL E 46 -19.88 -19.05 -6.57
C VAL E 46 -19.37 -17.65 -6.85
N GLU E 47 -18.05 -17.51 -7.00
CA GLU E 47 -17.40 -16.23 -7.26
C GLU E 47 -16.29 -16.47 -8.27
N HIS E 48 -16.60 -16.27 -9.55
CA HIS E 48 -15.66 -16.53 -10.63
C HIS E 48 -15.08 -15.21 -11.13
N LEU E 49 -13.75 -15.16 -11.25
CA LEU E 49 -13.05 -13.98 -11.71
C LEU E 49 -12.18 -14.34 -12.90
N GLN E 50 -12.06 -13.42 -13.85
CA GLN E 50 -11.30 -13.64 -15.07
C GLN E 50 -10.67 -12.33 -15.49
N LYS E 51 -9.34 -12.24 -15.38
CA LYS E 51 -8.60 -11.06 -15.81
C LYS E 51 -9.12 -9.79 -15.10
N SER E 52 -9.52 -9.95 -13.85
CA SER E 52 -10.08 -8.86 -13.06
C SER E 52 -9.08 -8.43 -11.99
N GLU E 53 -9.14 -7.15 -11.62
CA GLU E 53 -8.24 -6.57 -10.64
C GLU E 53 -9.05 -5.90 -9.53
N LEU E 54 -8.74 -6.24 -8.28
CA LEU E 54 -9.42 -5.68 -7.12
C LEU E 54 -8.38 -5.09 -6.18
N THR E 55 -8.81 -4.13 -5.36
CA THR E 55 -7.91 -3.47 -4.41
C THR E 55 -8.72 -2.84 -3.30
N GLN E 56 -8.13 -2.81 -2.10
CA GLN E 56 -8.71 -2.16 -0.93
C GLN E 56 -7.66 -1.30 -0.27
N GLN E 57 -8.02 -0.06 0.05
CA GLN E 57 -7.09 0.91 0.63
C GLN E 57 -7.75 1.67 1.76
N LEU E 58 -7.07 1.75 2.90
CA LEU E 58 -7.45 2.64 3.99
C LEU E 58 -8.92 2.49 4.37
N ASN E 59 -9.35 1.24 4.57
CA ASN E 59 -10.73 0.94 4.92
C ASN E 59 -10.83 0.67 6.42
N ALA E 60 -11.95 1.11 7.01
CA ALA E 60 -12.26 0.91 8.43
C ALA E 60 -11.28 1.62 9.36
N LEU E 61 -10.86 2.83 9.00
CA LEU E 61 -9.92 3.56 9.84
C LEU E 61 -10.64 4.30 10.96
N PHE E 62 -9.99 4.38 12.11
CA PHE E 62 -10.50 5.13 13.26
C PHE E 62 -11.92 4.71 13.61
N GLN E 63 -12.09 3.47 14.04
CA GLN E 63 -13.40 2.96 14.42
C GLN E 63 -13.39 2.58 15.90
N ASP E 64 -14.56 2.69 16.53
CA ASP E 64 -14.72 2.36 17.95
C ASP E 64 -16.16 1.89 18.14
N LYS E 65 -16.36 0.57 18.14
CA LYS E 65 -17.69 -0.02 18.17
C LYS E 65 -17.78 -1.06 19.27
N LEU E 66 -18.99 -1.57 19.48
CA LEU E 66 -19.24 -2.68 20.40
C LEU E 66 -18.56 -2.46 21.74
N GLY E 67 -18.78 -1.27 22.31
CA GLY E 67 -18.17 -0.96 23.59
C GLY E 67 -18.55 -1.96 24.67
N GLU E 68 -19.83 -2.32 24.74
CA GLU E 68 -20.31 -3.30 25.72
C GLU E 68 -21.37 -4.16 25.05
N VAL E 69 -21.37 -5.45 25.36
CA VAL E 69 -22.30 -6.41 24.77
C VAL E 69 -22.81 -7.33 25.89
N ASN E 70 -24.12 -7.60 25.85
CA ASN E 70 -24.75 -8.52 26.80
C ASN E 70 -25.75 -9.38 26.03
N THR E 71 -25.46 -10.67 25.92
CA THR E 71 -26.28 -11.60 25.17
C THR E 71 -26.84 -12.65 26.10
N TYR E 72 -28.12 -12.97 25.95
CA TYR E 72 -28.80 -13.99 26.76
C TYR E 72 -29.54 -14.93 25.82
N ALA E 73 -29.04 -16.16 25.69
CA ALA E 73 -29.63 -17.17 24.83
C ALA E 73 -29.91 -18.42 25.64
N GLY E 74 -31.12 -18.96 25.51
CA GLY E 74 -31.42 -20.21 26.18
C GLY E 74 -30.59 -21.36 25.66
N ASP E 75 -30.50 -21.48 24.33
CA ASP E 75 -29.59 -22.44 23.71
C ASP E 75 -29.64 -22.24 22.20
N LEU E 76 -28.51 -22.49 21.54
CA LEU E 76 -28.39 -22.16 20.12
C LEU E 76 -29.20 -23.11 19.26
N GLN E 77 -29.11 -24.42 19.51
CA GLN E 77 -29.69 -25.40 18.61
C GLN E 77 -30.26 -26.57 19.41
N LYS E 78 -31.20 -27.27 18.79
CA LYS E 78 -31.84 -28.43 19.39
C LYS E 78 -32.29 -29.38 18.31
N LYS E 79 -32.54 -30.63 18.70
CA LYS E 79 -33.08 -31.64 17.77
C LYS E 79 -33.77 -32.70 18.62
N LEU E 80 -35.09 -32.73 18.56
CA LEU E 80 -35.90 -33.70 19.30
C LEU E 80 -36.65 -34.59 18.32
N VAL E 81 -36.58 -35.90 18.53
CA VAL E 81 -37.26 -36.86 17.67
C VAL E 81 -38.32 -37.60 18.46
N GLU F 21 21.53 22.66 -36.70
CA GLU F 21 21.10 22.21 -35.38
C GLU F 21 22.15 22.56 -34.33
N VAL F 22 21.84 23.55 -33.50
CA VAL F 22 22.74 24.03 -32.45
C VAL F 22 21.90 24.39 -31.24
N SER F 23 22.45 24.17 -30.05
CA SER F 23 21.77 24.48 -28.79
C SER F 23 22.80 24.95 -27.79
N ALA F 24 22.66 26.20 -27.33
CA ALA F 24 23.55 26.77 -26.32
C ALA F 24 22.70 27.67 -25.42
N ASP F 25 22.14 27.09 -24.36
CA ASP F 25 21.22 27.78 -23.47
C ASP F 25 21.82 27.88 -22.07
N GLN F 26 21.46 28.95 -21.37
CA GLN F 26 21.84 29.16 -19.98
C GLN F 26 20.65 28.72 -19.12
N VAL F 27 20.48 27.42 -18.99
CA VAL F 27 19.34 26.83 -18.28
C VAL F 27 19.70 26.73 -16.81
N ALA F 28 18.83 27.29 -15.95
CA ALA F 28 18.98 27.20 -14.51
C ALA F 28 17.67 26.70 -13.93
N THR F 29 17.73 25.64 -13.13
CA THR F 29 16.54 25.02 -12.55
C THR F 29 16.75 24.85 -11.06
N VAL F 30 15.76 25.27 -10.27
CA VAL F 30 15.77 25.14 -8.82
C VAL F 30 14.44 24.58 -8.39
N MET F 31 14.46 23.58 -7.52
CA MET F 31 13.26 22.90 -7.05
C MET F 31 13.41 22.60 -5.56
N TRP F 32 12.65 23.30 -4.73
CA TRP F 32 12.63 23.10 -3.29
C TRP F 32 11.27 22.58 -2.88
N ASP F 33 11.25 21.51 -2.08
CA ASP F 33 10.02 20.88 -1.64
C ASP F 33 9.20 20.40 -2.85
N TYR F 34 9.85 19.60 -3.68
CA TYR F 34 9.27 19.10 -4.92
C TYR F 34 8.70 17.71 -4.69
N PHE F 35 7.51 17.46 -5.23
CA PHE F 35 6.85 16.16 -5.14
C PHE F 35 6.21 15.85 -6.48
N SER F 36 6.67 14.77 -7.12
CA SER F 36 6.15 14.41 -8.43
C SER F 36 6.41 12.94 -8.75
N GLN F 37 5.36 12.11 -8.76
CA GLN F 37 5.55 10.69 -9.02
C GLN F 37 6.11 10.45 -10.42
N LEU F 38 6.00 11.43 -11.31
CA LEU F 38 6.52 11.32 -12.66
C LEU F 38 6.95 12.70 -13.12
N SER F 39 8.17 12.81 -13.66
CA SER F 39 8.72 14.10 -14.03
C SER F 39 9.78 13.93 -15.11
N ASN F 40 10.20 15.05 -15.69
CA ASN F 40 11.28 15.08 -16.67
C ASN F 40 12.04 16.38 -16.43
N ASN F 41 13.23 16.26 -15.83
CA ASN F 41 14.01 17.41 -15.41
C ASN F 41 15.16 17.74 -16.34
N ALA F 42 15.20 17.14 -17.54
CA ALA F 42 16.28 17.36 -18.48
C ALA F 42 15.75 17.24 -19.90
N LYS F 43 16.42 17.92 -20.82
CA LYS F 43 15.91 18.06 -22.18
C LYS F 43 15.95 16.74 -22.93
N GLU F 44 15.06 16.60 -23.90
CA GLU F 44 14.98 15.40 -24.73
C GLU F 44 14.72 14.16 -23.88
N ALA F 45 14.09 14.37 -22.72
CA ALA F 45 13.72 13.28 -21.83
C ALA F 45 12.44 12.64 -22.35
N VAL F 46 12.43 11.30 -22.39
CA VAL F 46 11.30 10.54 -22.90
C VAL F 46 10.87 9.55 -21.82
N GLU F 47 9.56 9.43 -21.62
CA GLU F 47 8.97 8.53 -20.63
C GLU F 47 7.77 7.85 -21.29
N HIS F 48 8.01 6.69 -21.90
CA HIS F 48 6.97 5.95 -22.61
C HIS F 48 6.42 4.86 -21.70
N LEU F 49 5.10 4.81 -21.59
CA LEU F 49 4.41 3.82 -20.76
C LEU F 49 3.42 3.05 -21.62
N GLN F 50 3.25 1.76 -21.32
CA GLN F 50 2.36 0.90 -22.09
C GLN F 50 1.75 -0.12 -21.14
N LYS F 51 0.45 0.01 -20.87
CA LYS F 51 -0.28 -0.96 -20.07
C LYS F 51 0.34 -1.14 -18.68
N SER F 52 0.89 -0.06 -18.15
CA SER F 52 1.54 -0.08 -16.84
C SER F 52 0.60 0.52 -15.79
N GLU F 53 0.86 0.23 -14.53
CA GLU F 53 0.06 0.70 -13.41
C GLU F 53 0.96 1.16 -12.29
N LEU F 54 0.83 2.42 -11.89
CA LEU F 54 1.59 3.00 -10.80
C LEU F 54 0.64 3.44 -9.70
N THR F 55 1.19 3.75 -8.53
CA THR F 55 0.38 4.17 -7.39
C THR F 55 1.29 4.69 -6.29
N GLN F 56 0.80 5.69 -5.54
CA GLN F 56 1.50 6.27 -4.42
C GLN F 56 0.57 6.28 -3.21
N GLN F 57 1.14 6.07 -2.03
CA GLN F 57 0.35 5.97 -0.80
C GLN F 57 1.11 6.58 0.37
N LEU F 58 0.53 7.61 0.98
CA LEU F 58 1.00 8.13 2.26
C LEU F 58 2.49 8.46 2.22
N ASN F 59 2.93 9.08 1.13
CA ASN F 59 4.33 9.45 0.96
C ASN F 59 4.56 10.84 1.54
N ALA F 60 5.72 11.02 2.20
CA ALA F 60 6.13 12.28 2.80
C ALA F 60 5.23 12.73 3.93
N LEU F 61 5.01 11.88 4.94
CA LEU F 61 4.15 12.23 6.06
C LEU F 61 4.97 12.75 7.24
N PHE F 62 4.40 13.72 7.95
CA PHE F 62 5.02 14.28 9.14
C PHE F 62 6.45 14.74 8.85
N GLN F 63 6.59 15.73 7.99
CA GLN F 63 7.90 16.25 7.61
C GLN F 63 8.04 17.69 8.10
N ASP F 64 9.25 18.04 8.55
CA ASP F 64 9.55 19.39 9.03
C ASP F 64 10.96 19.71 8.55
N LYS F 65 11.06 20.36 7.39
CA LYS F 65 12.33 20.64 6.75
C LYS F 65 12.48 22.14 6.52
N LEU F 66 13.66 22.52 6.03
CA LEU F 66 13.93 23.89 5.58
C LEU F 66 13.41 24.92 6.57
N GLY F 67 13.83 24.78 7.83
CA GLY F 67 13.43 25.73 8.85
C GLY F 67 13.83 27.15 8.51
N GLU F 68 15.02 27.32 7.94
CA GLU F 68 15.52 28.63 7.54
C GLU F 68 16.46 28.45 6.36
N VAL F 69 16.35 29.35 5.38
CA VAL F 69 17.16 29.29 4.17
C VAL F 69 17.72 30.68 3.89
N ASN F 70 19.02 30.74 3.60
CA ASN F 70 19.69 31.98 3.24
C ASN F 70 20.54 31.72 2.01
N THR F 71 20.39 32.55 0.98
CA THR F 71 21.12 32.39 -0.27
C THR F 71 21.70 33.74 -0.68
N TYR F 72 22.92 33.72 -1.21
CA TYR F 72 23.61 34.92 -1.67
C TYR F 72 24.16 34.64 -3.07
N ALA F 73 23.59 35.29 -4.08
CA ALA F 73 24.02 35.12 -5.46
C ALA F 73 24.28 36.49 -6.07
N GLY F 74 25.44 36.64 -6.72
CA GLY F 74 25.72 37.89 -7.41
C GLY F 74 24.77 38.12 -8.57
N ASP F 75 24.57 37.10 -9.40
CA ASP F 75 23.56 37.14 -10.45
C ASP F 75 23.49 35.77 -11.10
N LEU F 76 22.27 35.38 -11.50
CA LEU F 76 22.06 34.01 -11.97
C LEU F 76 22.74 33.77 -13.31
N GLN F 77 22.54 34.66 -14.28
CA GLN F 77 22.98 34.40 -15.64
C GLN F 77 23.53 35.67 -16.26
N LYS F 78 24.43 35.48 -17.24
CA LYS F 78 25.05 36.59 -17.94
C LYS F 78 25.36 36.17 -19.37
N LYS F 79 25.59 37.17 -20.23
CA LYS F 79 25.98 36.90 -21.62
C LYS F 79 26.69 38.15 -22.14
N LEU F 80 28.00 38.03 -22.32
CA LEU F 80 28.83 39.13 -22.84
C LEU F 80 29.35 38.75 -24.22
N VAL F 81 29.14 39.63 -25.19
CA VAL F 81 29.60 39.40 -26.55
C VAL F 81 30.65 40.45 -26.91
N GLU G 21 -24.15 -42.13 1.47
CA GLU G 21 -23.60 -40.81 1.74
C GLU G 21 -24.51 -40.03 2.68
N VAL G 22 -24.09 -39.93 3.95
CA VAL G 22 -24.85 -39.22 4.97
C VAL G 22 -23.88 -38.44 5.83
N SER G 23 -24.35 -37.33 6.41
CA SER G 23 -23.52 -36.48 7.25
C SER G 23 -24.42 -35.80 8.28
N ALA G 24 -24.16 -36.09 9.55
CA ALA G 24 -24.88 -35.44 10.67
C ALA G 24 -23.87 -35.23 11.79
N ASP G 25 -23.23 -34.07 11.79
CA ASP G 25 -22.15 -33.77 12.72
C ASP G 25 -22.55 -32.61 13.64
N GLN G 26 -22.03 -32.65 14.86
CA GLN G 26 -22.18 -31.56 15.82
C GLN G 26 -20.91 -30.71 15.74
N VAL G 27 -20.91 -29.76 14.82
CA VAL G 27 -19.73 -28.94 14.53
C VAL G 27 -19.92 -27.58 15.16
N ALA G 28 -18.95 -27.15 15.96
CA ALA G 28 -18.94 -25.83 16.57
C ALA G 28 -17.57 -25.22 16.35
N THR G 29 -17.54 -24.01 15.80
CA THR G 29 -16.29 -23.31 15.50
C THR G 29 -16.32 -21.93 16.13
N VAL G 30 -15.26 -21.59 16.87
CA VAL G 30 -15.12 -20.30 17.51
C VAL G 30 -13.78 -19.72 17.10
N MET G 31 -13.79 -18.47 16.63
CA MET G 31 -12.59 -17.79 16.15
C MET G 31 -12.59 -16.37 16.67
N TRP G 32 -11.72 -16.10 17.64
CA TRP G 32 -11.53 -14.77 18.20
C TRP G 32 -10.15 -14.26 17.83
N ASP G 33 -10.09 -13.03 17.32
CA ASP G 33 -8.84 -12.43 16.86
C ASP G 33 -8.24 -13.29 15.75
N TYR G 34 -9.00 -13.42 14.67
CA TYR G 34 -8.63 -14.27 13.54
C TYR G 34 -8.16 -13.40 12.38
N PHE G 35 -7.01 -13.75 11.81
CA PHE G 35 -6.45 -13.05 10.66
C PHE G 35 -6.01 -14.08 9.63
N SER G 36 -6.62 -14.03 8.45
CA SER G 36 -6.30 -14.98 7.40
C SER G 36 -6.70 -14.47 6.02
N GLN G 37 -5.72 -14.11 5.18
CA GLN G 37 -6.04 -13.59 3.86
C GLN G 37 -6.83 -14.61 3.03
N LEU G 38 -6.60 -15.90 3.27
CA LEU G 38 -7.29 -16.96 2.57
C LEU G 38 -7.70 -18.03 3.58
N SER G 39 -8.98 -18.42 3.55
CA SER G 39 -9.51 -19.33 4.54
C SER G 39 -10.67 -20.12 3.94
N ASN G 40 -11.11 -21.13 4.71
CA ASN G 40 -12.27 -21.93 4.34
C ASN G 40 -12.93 -22.37 5.64
N ASN G 41 -14.03 -21.72 6.00
CA ASN G 41 -14.69 -21.93 7.28
C ASN G 41 -15.91 -22.83 7.19
N ALA G 42 -16.10 -23.54 6.09
CA ALA G 42 -17.25 -24.41 5.93
C ALA G 42 -16.88 -25.57 5.01
N LYS G 43 -17.63 -26.67 5.15
CA LYS G 43 -17.25 -27.92 4.51
C LYS G 43 -17.45 -27.84 3.00
N GLU G 44 -16.69 -28.67 2.28
CA GLU G 44 -16.76 -28.72 0.82
C GLU G 44 -16.46 -27.35 0.21
N ALA G 45 -15.63 -26.58 0.88
CA ALA G 45 -15.19 -25.28 0.39
C ALA G 45 -14.09 -25.47 -0.64
N VAL G 46 -14.20 -24.78 -1.76
CA VAL G 46 -13.25 -24.88 -2.86
C VAL G 46 -12.74 -23.49 -3.19
N GLU G 47 -11.42 -23.37 -3.38
CA GLU G 47 -10.77 -22.10 -3.68
C GLU G 47 -9.68 -22.38 -4.71
N HIS G 48 -10.02 -22.21 -5.99
CA HIS G 48 -9.11 -22.50 -7.09
C HIS G 48 -8.52 -21.20 -7.63
N LEU G 49 -7.21 -21.16 -7.79
CA LEU G 49 -6.50 -20.00 -8.29
C LEU G 49 -5.66 -20.41 -9.49
N GLN G 50 -5.57 -19.51 -10.47
CA GLN G 50 -4.83 -19.77 -11.71
C GLN G 50 -4.20 -18.46 -12.18
N LYS G 51 -2.87 -18.39 -12.10
CA LYS G 51 -2.13 -17.22 -12.57
C LYS G 51 -2.61 -15.95 -11.89
N SER G 52 -3.00 -16.06 -10.62
CA SER G 52 -3.53 -14.95 -9.85
C SER G 52 -2.50 -14.50 -8.81
N GLU G 53 -2.54 -13.21 -8.47
CA GLU G 53 -1.61 -12.61 -7.53
C GLU G 53 -2.39 -11.91 -6.43
N LEU G 54 -2.06 -12.21 -5.18
CA LEU G 54 -2.70 -11.62 -4.01
C LEU G 54 -1.63 -11.02 -3.10
N THR G 55 -2.02 -10.02 -2.31
CA THR G 55 -1.11 -9.35 -1.41
C THR G 55 -1.88 -8.68 -0.28
N GLN G 56 -1.26 -8.62 0.89
CA GLN G 56 -1.82 -7.95 2.06
C GLN G 56 -0.75 -7.07 2.68
N GLN G 57 -1.08 -5.82 2.98
CA GLN G 57 -0.13 -4.84 3.49
C GLN G 57 -0.76 -4.04 4.63
N LEU G 58 -0.05 -3.95 5.74
CA LEU G 58 -0.40 -3.03 6.83
C LEU G 58 -1.87 -3.15 7.24
N ASN G 59 -2.30 -4.39 7.48
CA ASN G 59 -3.67 -4.67 7.88
C ASN G 59 -3.75 -4.89 9.39
N ALA G 60 -4.84 -4.43 10.00
CA ALA G 60 -5.12 -4.59 11.42
C ALA G 60 -4.11 -3.87 12.30
N LEU G 61 -3.68 -2.67 11.91
CA LEU G 61 -2.72 -1.92 12.70
C LEU G 61 -3.41 -1.15 13.81
N PHE G 62 -2.72 -1.06 14.96
CA PHE G 62 -3.21 -0.27 16.09
C PHE G 62 -4.62 -0.66 16.48
N GLN G 63 -4.80 -1.89 16.96
CA GLN G 63 -6.10 -2.39 17.38
C GLN G 63 -6.06 -2.71 18.87
N ASP G 64 -7.21 -2.57 19.53
CA ASP G 64 -7.34 -2.86 20.95
C ASP G 64 -8.78 -3.33 21.18
N LYS G 65 -8.98 -4.63 21.23
CA LYS G 65 -10.32 -5.22 21.30
C LYS G 65 -10.39 -6.24 22.43
N LEU G 66 -11.62 -6.72 22.68
CA LEU G 66 -11.85 -7.81 23.63
C LEU G 66 -11.13 -7.56 24.96
N GLY G 67 -11.33 -6.36 25.50
CA GLY G 67 -10.69 -6.02 26.76
C GLY G 67 -11.04 -6.98 27.88
N GLU G 68 -12.32 -7.33 27.99
CA GLU G 68 -12.80 -8.28 28.99
C GLU G 68 -13.88 -9.15 28.38
N VAL G 69 -13.88 -10.43 28.72
CA VAL G 69 -14.83 -11.40 28.18
C VAL G 69 -15.32 -12.27 29.32
N ASN G 70 -16.62 -12.55 29.34
CA ASN G 70 -17.24 -13.43 30.31
C ASN G 70 -18.26 -14.30 29.60
N THR G 71 -17.99 -15.59 29.52
CA THR G 71 -18.84 -16.53 28.80
C THR G 71 -19.39 -17.56 29.79
N TYR G 72 -20.68 -17.87 29.67
CA TYR G 72 -21.34 -18.86 30.51
C TYR G 72 -22.10 -19.82 29.62
N ALA G 73 -21.62 -21.06 29.52
CA ALA G 73 -22.23 -22.08 28.69
C ALA G 73 -22.51 -23.31 29.54
N GLY G 74 -23.72 -23.85 29.46
CA GLY G 74 -24.02 -25.08 30.17
C GLY G 74 -23.21 -26.25 29.66
N ASP G 75 -23.15 -26.40 28.34
CA ASP G 75 -22.27 -27.38 27.71
C ASP G 75 -22.35 -27.23 26.21
N LEU G 76 -21.24 -27.50 25.52
CA LEU G 76 -21.15 -27.20 24.10
C LEU G 76 -21.99 -28.18 23.27
N GLN G 77 -21.91 -29.48 23.56
CA GLN G 77 -22.52 -30.48 22.71
C GLN G 77 -23.07 -31.61 23.54
N LYS G 78 -24.03 -32.33 22.97
CA LYS G 78 -24.66 -33.47 23.62
C LYS G 78 -25.16 -34.44 22.56
N LYS G 79 -25.40 -35.68 23.00
CA LYS G 79 -25.97 -36.70 22.12
C LYS G 79 -26.65 -37.74 23.00
N LEU G 80 -27.97 -37.77 22.98
CA LEU G 80 -28.77 -38.70 23.76
C LEU G 80 -29.55 -39.61 22.81
N VAL G 81 -29.49 -40.91 23.05
CA VAL G 81 -30.20 -41.89 22.24
C VAL G 81 -31.25 -42.60 23.09
N GLU H 21 27.95 15.55 -35.02
CA GLU H 21 27.54 15.14 -33.68
C GLU H 21 28.61 15.51 -32.67
N VAL H 22 28.33 16.53 -31.85
CA VAL H 22 29.26 17.01 -30.84
C VAL H 22 28.44 17.43 -29.62
N SER H 23 29.02 17.23 -28.44
CA SER H 23 28.37 17.58 -27.17
C SER H 23 29.43 18.06 -26.20
N ALA H 24 29.32 19.33 -25.78
CA ALA H 24 30.23 19.91 -24.79
C ALA H 24 29.42 20.84 -23.90
N ASP H 25 28.87 20.29 -22.82
CA ASP H 25 27.99 21.02 -21.93
C ASP H 25 28.61 21.15 -20.54
N GLN H 26 28.28 22.25 -19.87
CA GLN H 26 28.68 22.49 -18.49
C GLN H 26 27.51 22.10 -17.59
N VAL H 27 27.33 20.79 -17.43
CA VAL H 27 26.20 20.24 -16.68
C VAL H 27 26.58 20.18 -15.21
N ALA H 28 25.74 20.76 -14.36
CA ALA H 28 25.92 20.71 -12.91
C ALA H 28 24.61 20.26 -12.29
N THR H 29 24.67 19.21 -11.46
CA THR H 29 23.49 18.63 -10.85
C THR H 29 23.72 18.49 -9.36
N VAL H 30 22.75 18.95 -8.56
CA VAL H 30 22.80 18.86 -7.11
C VAL H 30 21.46 18.33 -6.63
N MET H 31 21.49 17.34 -5.74
CA MET H 31 20.29 16.70 -5.23
C MET H 31 20.47 16.44 -3.74
N TRP H 32 19.73 17.17 -2.92
CA TRP H 32 19.74 17.01 -1.46
C TRP H 32 18.37 16.52 -1.01
N ASP H 33 18.37 15.47 -0.19
CA ASP H 33 17.14 14.87 0.29
C ASP H 33 16.28 14.38 -0.88
N TYR H 34 16.90 13.54 -1.70
CA TYR H 34 16.29 13.02 -2.92
C TYR H 34 15.70 11.64 -2.64
N PHE H 35 14.50 11.40 -3.14
CA PHE H 35 13.82 10.11 -3.02
C PHE H 35 13.15 9.77 -4.33
N SER H 36 13.58 8.67 -4.95
CA SER H 36 13.03 8.27 -6.24
C SER H 36 13.27 6.79 -6.52
N GLN H 37 12.20 5.98 -6.49
CA GLN H 37 12.37 4.55 -6.71
C GLN H 37 12.90 4.26 -8.11
N LEU H 38 12.79 5.22 -9.03
CA LEU H 38 13.28 5.07 -10.39
C LEU H 38 13.72 6.44 -10.91
N SER H 39 14.92 6.52 -11.46
CA SER H 39 15.48 7.79 -11.88
C SER H 39 16.52 7.56 -12.98
N ASN H 40 16.94 8.67 -13.59
CA ASN H 40 18.01 8.65 -14.60
C ASN H 40 18.80 9.95 -14.41
N ASN H 41 19.98 9.83 -13.82
CA ASN H 41 20.79 10.99 -13.44
C ASN H 41 21.93 11.26 -14.42
N ALA H 42 21.94 10.63 -15.59
CA ALA H 42 23.00 10.82 -16.56
C ALA H 42 22.45 10.66 -17.97
N LYS H 43 23.10 11.31 -18.92
CA LYS H 43 22.56 11.42 -20.27
C LYS H 43 22.57 10.08 -20.98
N GLU H 44 21.66 9.93 -21.95
CA GLU H 44 21.55 8.70 -22.74
C GLU H 44 21.28 7.50 -21.84
N ALA H 45 20.68 7.75 -20.68
CA ALA H 45 20.31 6.68 -19.76
C ALA H 45 19.01 6.05 -20.22
N VAL H 46 18.98 4.71 -20.24
CA VAL H 46 17.84 3.95 -20.69
C VAL H 46 17.41 3.00 -19.59
N GLU H 47 16.11 2.90 -19.36
CA GLU H 47 15.53 2.03 -18.33
C GLU H 47 14.31 1.35 -18.94
N HIS H 48 14.51 0.18 -19.53
CA HIS H 48 13.45 -0.56 -20.20
C HIS H 48 12.90 -1.62 -19.25
N LEU H 49 11.58 -1.65 -19.11
CA LEU H 49 10.89 -2.61 -18.24
C LEU H 49 9.88 -3.39 -19.07
N GLN H 50 9.70 -4.65 -18.73
CA GLN H 50 8.77 -5.54 -19.44
C GLN H 50 8.18 -6.52 -18.46
N LYS H 51 6.89 -6.36 -18.16
CA LYS H 51 6.15 -7.31 -17.33
C LYS H 51 6.80 -7.46 -15.95
N SER H 52 7.38 -6.37 -15.46
CA SER H 52 8.05 -6.36 -14.16
C SER H 52 7.14 -5.72 -13.11
N GLU H 53 7.43 -5.98 -11.85
CA GLU H 53 6.65 -5.48 -10.73
C GLU H 53 7.59 -5.00 -9.63
N LEU H 54 7.47 -3.72 -9.27
CA LEU H 54 8.27 -3.12 -8.21
C LEU H 54 7.35 -2.64 -7.10
N THR H 55 7.92 -2.30 -5.95
CA THR H 55 7.15 -1.85 -4.80
C THR H 55 8.08 -1.31 -3.73
N GLN H 56 7.62 -0.29 -3.02
CA GLN H 56 8.36 0.33 -1.92
C GLN H 56 7.46 0.37 -0.69
N GLN H 57 8.04 0.18 0.49
CA GLN H 57 7.28 0.12 1.73
C GLN H 57 8.07 0.76 2.86
N LEU H 58 7.51 1.80 3.47
CA LEU H 58 8.02 2.36 4.72
C LEU H 58 9.52 2.67 4.64
N ASN H 59 9.94 3.24 3.52
CA ASN H 59 11.34 3.61 3.31
C ASN H 59 11.60 4.99 3.86
N ALA H 60 12.77 5.17 4.49
CA ALA H 60 13.22 6.44 5.04
C ALA H 60 12.34 6.94 6.18
N LEU H 61 12.14 6.12 7.21
CA LEU H 61 11.30 6.52 8.34
C LEU H 61 12.14 7.05 9.50
N PHE H 62 11.60 8.05 10.18
CA PHE H 62 12.27 8.63 11.35
C PHE H 62 13.69 9.06 11.02
N GLN H 63 13.83 10.04 10.13
CA GLN H 63 15.14 10.52 9.71
C GLN H 63 15.31 11.97 10.16
N ASP H 64 16.52 12.31 10.57
CA ASP H 64 16.86 13.66 11.01
C ASP H 64 18.26 13.97 10.50
N LYS H 65 18.35 14.58 9.32
CA LYS H 65 19.62 14.82 8.65
C LYS H 65 19.78 16.31 8.36
N LEU H 66 20.94 16.66 7.84
CA LEU H 66 21.22 18.02 7.35
C LEU H 66 20.73 19.08 8.32
N GLY H 67 21.20 18.97 9.57
CA GLY H 67 20.81 19.94 10.58
C GLY H 67 21.24 21.36 10.20
N GLU H 68 22.42 21.49 9.60
CA GLU H 68 22.92 22.78 9.16
C GLU H 68 23.83 22.56 7.97
N VAL H 69 23.73 23.43 6.96
CA VAL H 69 24.50 23.33 5.73
C VAL H 69 25.08 24.70 5.41
N ASN H 70 26.36 24.73 5.10
CA ASN H 70 27.05 25.96 4.68
C ASN H 70 27.88 25.64 3.45
N THR H 71 27.72 26.46 2.40
CA THR H 71 28.42 26.26 1.14
C THR H 71 29.01 27.57 0.68
N TYR H 72 30.22 27.53 0.13
CA TYR H 72 30.91 28.71 -0.39
C TYR H 72 31.43 28.38 -1.78
N ALA H 73 30.85 29.00 -2.79
CA ALA H 73 31.25 28.80 -4.18
C ALA H 73 31.51 30.15 -4.83
N GLY H 74 32.66 30.27 -5.51
CA GLY H 74 32.94 31.50 -6.24
C GLY H 74 31.97 31.71 -7.39
N ASP H 75 31.75 30.67 -8.18
CA ASP H 75 30.72 30.70 -9.22
C ASP H 75 30.60 29.31 -9.83
N LEU H 76 29.38 28.92 -10.19
CA LEU H 76 29.14 27.55 -10.62
C LEU H 76 29.78 27.25 -11.97
N GLN H 77 29.58 28.12 -12.95
CA GLN H 77 29.99 27.82 -14.31
C GLN H 77 30.55 29.06 -14.98
N LYS H 78 31.41 28.84 -15.97
CA LYS H 78 32.04 29.92 -16.72
C LYS H 78 32.31 29.46 -18.15
N LYS H 79 32.53 30.43 -19.03
CA LYS H 79 32.90 30.13 -20.41
C LYS H 79 33.62 31.35 -20.98
N LEU H 80 34.92 31.21 -21.20
CA LEU H 80 35.75 32.27 -21.76
C LEU H 80 36.25 31.86 -23.13
N VAL H 81 36.02 32.70 -24.12
CA VAL H 81 36.46 32.44 -25.49
C VAL H 81 37.51 33.46 -25.90
N GLU I 21 -20.94 -44.90 3.62
CA GLU I 21 -20.37 -43.58 3.87
C GLU I 21 -21.26 -42.79 4.81
N VAL I 22 -20.84 -42.67 6.07
CA VAL I 22 -21.58 -41.96 7.10
C VAL I 22 -20.59 -41.16 7.93
N SER I 23 -21.04 -40.05 8.50
CA SER I 23 -20.21 -39.18 9.32
C SER I 23 -21.08 -38.49 10.36
N ALA I 24 -20.82 -38.76 11.64
CA ALA I 24 -21.52 -38.10 12.75
C ALA I 24 -20.50 -37.88 13.85
N ASP I 25 -19.85 -36.72 13.84
CA ASP I 25 -18.76 -36.41 14.75
C ASP I 25 -19.14 -35.24 15.65
N GLN I 26 -18.61 -35.27 16.87
CA GLN I 26 -18.74 -34.17 17.82
C GLN I 26 -17.46 -33.34 17.71
N VAL I 27 -17.47 -32.38 16.78
CA VAL I 27 -16.29 -31.58 16.47
C VAL I 27 -16.47 -30.20 17.08
N ALA I 28 -15.49 -29.77 17.87
CA ALA I 28 -15.47 -28.44 18.46
C ALA I 28 -14.09 -27.84 18.22
N THR I 29 -14.06 -26.64 17.66
CA THR I 29 -12.81 -25.96 17.33
C THR I 29 -12.83 -24.57 17.95
N VAL I 30 -11.76 -24.23 18.67
CA VAL I 30 -11.60 -22.93 19.29
C VAL I 30 -10.26 -22.36 18.86
N MET I 31 -10.27 -21.12 18.37
CA MET I 31 -9.07 -20.46 17.87
C MET I 31 -9.06 -19.02 18.38
N TRP I 32 -8.18 -18.74 19.33
CA TRP I 32 -7.98 -17.41 19.87
C TRP I 32 -6.59 -16.91 19.49
N ASP I 33 -6.54 -15.69 18.96
CA ASP I 33 -5.29 -15.12 18.48
C ASP I 33 -4.70 -15.98 17.37
N TYR I 34 -5.48 -16.13 16.30
CA TYR I 34 -5.12 -16.99 15.17
C TYR I 34 -4.66 -16.14 14.00
N PHE I 35 -3.53 -16.50 13.42
CA PHE I 35 -2.97 -15.82 12.25
C PHE I 35 -2.54 -16.85 11.24
N SER I 36 -3.17 -16.82 10.05
CA SER I 36 -2.86 -17.78 9.01
C SER I 36 -3.28 -17.28 7.64
N GLN I 37 -2.30 -16.96 6.79
CA GLN I 37 -2.64 -16.44 5.46
C GLN I 37 -3.44 -17.46 4.66
N LEU I 38 -3.21 -18.75 4.90
CA LEU I 38 -3.92 -19.82 4.21
C LEU I 38 -4.33 -20.87 5.24
N SER I 39 -5.61 -21.25 5.24
CA SER I 39 -6.13 -22.15 6.25
C SER I 39 -7.30 -22.95 5.68
N ASN I 40 -7.74 -23.94 6.45
CA ASN I 40 -8.91 -24.74 6.11
C ASN I 40 -9.55 -25.16 7.43
N ASN I 41 -10.65 -24.49 7.78
CA ASN I 41 -11.29 -24.68 9.07
C ASN I 41 -12.52 -25.59 9.02
N ALA I 42 -12.72 -26.30 7.92
CA ALA I 42 -13.89 -27.18 7.78
C ALA I 42 -13.54 -28.35 6.88
N LYS I 43 -14.28 -29.44 7.05
CA LYS I 43 -13.91 -30.69 6.41
C LYS I 43 -14.14 -30.64 4.90
N GLU I 44 -13.39 -31.47 4.19
CA GLU I 44 -13.48 -31.54 2.72
C GLU I 44 -13.18 -30.18 2.10
N ALA I 45 -12.32 -29.41 2.75
CA ALA I 45 -11.90 -28.11 2.24
C ALA I 45 -10.81 -28.33 1.19
N VAL I 46 -10.92 -27.65 0.06
CA VAL I 46 -9.98 -27.77 -1.04
C VAL I 46 -9.47 -26.39 -1.39
N GLU I 47 -8.16 -26.28 -1.59
CA GLU I 47 -7.50 -25.02 -1.93
C GLU I 47 -6.42 -25.31 -2.97
N HIS I 48 -6.76 -25.16 -4.24
CA HIS I 48 -5.88 -25.46 -5.35
C HIS I 48 -5.30 -24.18 -5.90
N LEU I 49 -3.98 -24.15 -6.08
CA LEU I 49 -3.27 -22.99 -6.61
C LEU I 49 -2.45 -23.42 -7.82
N GLN I 50 -2.36 -22.54 -8.81
CA GLN I 50 -1.63 -22.82 -10.05
C GLN I 50 -1.01 -21.53 -10.53
N LYS I 51 0.33 -21.46 -10.48
CA LYS I 51 1.07 -20.30 -10.97
C LYS I 51 0.60 -19.01 -10.29
N SER I 52 0.23 -19.11 -9.02
CA SER I 52 -0.28 -17.98 -8.26
C SER I 52 0.76 -17.53 -7.24
N GLU I 53 0.73 -16.23 -6.92
CA GLU I 53 1.67 -15.63 -5.99
C GLU I 53 0.91 -14.90 -4.90
N LEU I 54 1.25 -15.21 -3.64
CA LEU I 54 0.64 -14.59 -2.48
C LEU I 54 1.71 -13.98 -1.59
N THR I 55 1.33 -12.97 -0.80
CA THR I 55 2.27 -12.30 0.08
C THR I 55 1.50 -11.60 1.21
N GLN I 56 2.13 -11.54 2.38
CA GLN I 56 1.59 -10.84 3.54
C GLN I 56 2.69 -9.96 4.13
N GLN I 57 2.35 -8.72 4.43
CA GLN I 57 3.31 -7.74 4.92
C GLN I 57 2.70 -6.92 6.04
N LEU I 58 3.42 -6.82 7.16
CA LEU I 58 3.10 -5.87 8.23
C LEU I 58 1.63 -5.99 8.67
N ASN I 59 1.20 -7.22 8.93
CA ASN I 59 -0.17 -7.49 9.34
C ASN I 59 -0.23 -7.69 10.85
N ALA I 60 -1.31 -7.22 11.46
CA ALA I 60 -1.59 -7.36 12.89
C ALA I 60 -0.56 -6.63 13.76
N LEU I 61 -0.13 -5.44 13.34
CA LEU I 61 0.85 -4.69 14.11
C LEU I 61 0.18 -3.89 15.23
N PHE I 62 0.87 -3.79 16.37
CA PHE I 62 0.41 -2.98 17.49
C PHE I 62 -1.01 -3.36 17.91
N GLN I 63 -1.18 -4.59 18.39
CA GLN I 63 -2.48 -5.07 18.84
C GLN I 63 -2.43 -5.38 20.33
N ASP I 64 -3.57 -5.23 20.99
CA ASP I 64 -3.68 -5.50 22.43
C ASP I 64 -5.13 -5.95 22.68
N LYS I 65 -5.34 -7.26 22.75
CA LYS I 65 -6.67 -7.83 22.84
C LYS I 65 -6.73 -8.83 23.99
N LEU I 66 -7.96 -9.31 24.26
CA LEU I 66 -8.18 -10.38 25.22
C LEU I 66 -7.45 -10.12 26.53
N GLY I 67 -7.64 -8.91 27.07
CA GLY I 67 -6.98 -8.56 28.32
C GLY I 67 -7.33 -9.51 29.44
N GLU I 68 -8.61 -9.85 29.57
CA GLU I 68 -9.08 -10.78 30.60
C GLU I 68 -10.17 -11.65 30.00
N VAL I 69 -10.17 -12.93 30.36
CA VAL I 69 -11.14 -13.90 29.85
C VAL I 69 -11.63 -14.75 31.01
N ASN I 70 -12.93 -15.02 31.04
CA ASN I 70 -13.54 -15.89 32.03
C ASN I 70 -14.58 -16.75 31.34
N THR I 71 -14.31 -18.06 31.27
CA THR I 71 -15.18 -19.00 30.58
C THR I 71 -15.72 -20.01 31.59
N TYR I 72 -17.01 -20.33 31.48
CA TYR I 72 -17.67 -21.29 32.35
C TYR I 72 -18.45 -22.26 31.46
N ALA I 73 -17.97 -23.50 31.38
CA ALA I 73 -18.60 -24.54 30.57
C ALA I 73 -18.87 -25.75 31.44
N GLY I 74 -20.08 -26.28 31.38
CA GLY I 74 -20.39 -27.50 32.11
C GLY I 74 -19.59 -28.68 31.60
N ASP I 75 -19.54 -28.86 30.28
CA ASP I 75 -18.67 -29.84 29.67
C ASP I 75 -18.77 -29.70 28.14
N LEU I 76 -17.67 -30.00 27.46
CA LEU I 76 -17.60 -29.72 26.03
C LEU I 76 -18.45 -30.69 25.22
N GLN I 77 -18.37 -31.99 25.53
CA GLN I 77 -18.99 -33.00 24.69
C GLN I 77 -19.54 -34.12 25.55
N LYS I 78 -20.52 -34.84 24.99
CA LYS I 78 -21.15 -35.97 25.67
C LYS I 78 -21.65 -36.95 24.63
N LYS I 79 -21.90 -38.18 25.08
CA LYS I 79 -22.49 -39.21 24.22
C LYS I 79 -23.16 -40.23 25.12
N LEU I 80 -24.49 -40.26 25.12
CA LEU I 80 -25.29 -41.18 25.92
C LEU I 80 -26.08 -42.09 24.99
N VAL I 81 -26.02 -43.39 25.25
CA VAL I 81 -26.74 -44.37 24.45
C VAL I 81 -27.79 -45.06 25.32
N GLU J 21 31.08 12.00 -34.16
CA GLU J 21 30.68 11.62 -32.81
C GLU J 21 31.77 12.00 -31.82
N VAL J 22 31.51 13.03 -31.02
CA VAL J 22 32.45 13.52 -30.02
C VAL J 22 31.66 13.96 -28.79
N SER J 23 32.24 13.78 -27.61
CA SER J 23 31.61 14.14 -26.36
C SER J 23 32.68 14.64 -25.39
N ALA J 24 32.58 15.91 -24.99
CA ALA J 24 33.51 16.50 -24.03
C ALA J 24 32.72 17.45 -23.14
N ASP J 25 32.18 16.92 -22.03
CA ASP J 25 31.31 17.67 -21.14
C ASP J 25 31.95 17.82 -19.78
N GLN J 26 31.63 18.92 -19.11
CA GLN J 26 32.06 19.18 -17.75
C GLN J 26 30.89 18.81 -16.83
N VAL J 27 30.70 17.51 -16.64
CA VAL J 27 29.57 16.98 -15.87
C VAL J 27 29.99 16.93 -14.40
N ALA J 28 29.16 17.53 -13.55
CA ALA J 28 29.35 17.50 -12.11
C ALA J 28 28.05 17.06 -11.46
N THR J 29 28.11 16.03 -10.62
CA THR J 29 26.94 15.46 -9.98
C THR J 29 27.19 15.34 -8.49
N VAL J 30 26.23 15.82 -7.70
CA VAL J 30 26.29 15.76 -6.24
C VAL J 30 24.95 15.24 -5.74
N MET J 31 24.99 14.27 -4.83
CA MET J 31 23.79 13.64 -4.30
C MET J 31 23.99 13.39 -2.81
N TRP J 32 23.27 14.15 -1.98
CA TRP J 32 23.30 14.01 -0.54
C TRP J 32 21.93 13.53 -0.06
N ASP J 33 21.93 12.50 0.78
CA ASP J 33 20.70 11.90 1.29
C ASP J 33 19.83 11.40 0.13
N TYR J 34 20.43 10.55 -0.68
CA TYR J 34 19.80 10.01 -1.88
C TYR J 34 19.21 8.65 -1.57
N PHE J 35 18.00 8.40 -2.07
CA PHE J 35 17.31 7.12 -1.90
C PHE J 35 16.62 6.77 -3.21
N SER J 36 17.03 5.65 -3.82
CA SER J 36 16.47 5.24 -5.09
C SER J 36 16.70 3.75 -5.35
N GLN J 37 15.63 2.96 -5.31
CA GLN J 37 15.78 1.53 -5.51
C GLN J 37 16.29 1.20 -6.91
N LEU J 38 16.18 2.15 -7.84
CA LEU J 38 16.65 1.98 -9.20
C LEU J 38 17.09 3.34 -9.74
N SER J 39 18.30 3.40 -10.31
CA SER J 39 18.85 4.67 -10.75
C SER J 39 19.87 4.41 -11.87
N ASN J 40 20.28 5.51 -12.50
CA ASN J 40 21.35 5.48 -13.52
C ASN J 40 22.14 6.76 -13.35
N ASN J 41 23.34 6.65 -12.78
CA ASN J 41 24.16 7.81 -12.44
C ASN J 41 25.29 8.06 -13.42
N ALA J 42 25.27 7.40 -14.59
CA ALA J 42 26.32 7.57 -15.58
C ALA J 42 25.75 7.40 -16.98
N LYS J 43 26.41 8.03 -17.94
CA LYS J 43 25.85 8.12 -19.29
C LYS J 43 25.84 6.78 -19.98
N GLU J 44 24.91 6.61 -20.93
CA GLU J 44 24.78 5.38 -21.70
C GLU J 44 24.52 4.18 -20.79
N ALA J 45 23.94 4.46 -19.62
CA ALA J 45 23.58 3.41 -18.67
C ALA J 45 22.27 2.77 -19.12
N VAL J 46 22.23 1.44 -19.10
CA VAL J 46 21.07 0.68 -19.54
C VAL J 46 20.66 -0.25 -18.41
N GLU J 47 19.35 -0.34 -18.17
CA GLU J 47 18.78 -1.19 -17.13
C GLU J 47 17.54 -1.87 -17.70
N HIS J 48 17.73 -3.05 -18.28
CA HIS J 48 16.67 -3.80 -18.92
C HIS J 48 16.12 -4.84 -17.95
N LEU J 49 14.80 -4.86 -17.80
CA LEU J 49 14.12 -5.80 -16.92
C LEU J 49 13.09 -6.58 -17.71
N GLN J 50 12.91 -7.85 -17.35
CA GLN J 50 11.98 -8.73 -18.03
C GLN J 50 11.38 -9.70 -17.03
N LYS J 51 10.09 -9.53 -16.72
CA LYS J 51 9.36 -10.46 -15.87
C LYS J 51 10.02 -10.59 -14.49
N SER J 52 10.62 -9.50 -14.02
CA SER J 52 11.31 -9.48 -12.74
C SER J 52 10.41 -8.81 -11.69
N GLU J 53 10.72 -9.06 -10.42
CA GLU J 53 9.95 -8.53 -9.30
C GLU J 53 10.91 -8.04 -8.22
N LEU J 54 10.81 -6.76 -7.88
CA LEU J 54 11.62 -6.15 -6.84
C LEU J 54 10.71 -5.64 -5.73
N THR J 55 11.31 -5.30 -4.59
CA THR J 55 10.55 -4.82 -3.45
C THR J 55 11.50 -4.27 -2.39
N GLN J 56 11.05 -3.24 -1.68
CA GLN J 56 11.80 -2.61 -0.59
C GLN J 56 10.92 -2.54 0.63
N GLN J 57 11.51 -2.72 1.82
CA GLN J 57 10.77 -2.76 3.07
C GLN J 57 11.58 -2.12 4.18
N LEU J 58 11.03 -1.05 4.77
CA LEU J 58 11.56 -0.47 6.01
C LEU J 58 13.05 -0.18 5.91
N ASN J 59 13.47 0.38 4.78
CA ASN J 59 14.87 0.72 4.54
C ASN J 59 15.15 2.13 5.07
N ALA J 60 16.32 2.30 5.68
CA ALA J 60 16.79 3.58 6.21
C ALA J 60 15.92 4.10 7.35
N LEU J 61 15.74 3.30 8.40
CA LEU J 61 14.91 3.71 9.52
C LEU J 61 15.78 4.25 10.67
N PHE J 62 15.25 5.27 11.35
CA PHE J 62 15.93 5.86 12.49
C PHE J 62 17.35 6.28 12.14
N GLN J 63 17.49 7.24 11.23
CA GLN J 63 18.79 7.72 10.80
C GLN J 63 18.98 9.16 11.23
N ASP J 64 20.20 9.50 11.62
CA ASP J 64 20.55 10.87 12.02
C ASP J 64 21.95 11.14 11.49
N LYS J 65 22.02 11.75 10.30
CA LYS J 65 23.28 11.97 9.61
C LYS J 65 23.45 13.46 9.30
N LEU J 66 24.62 13.79 8.76
CA LEU J 66 24.89 15.13 8.25
C LEU J 66 24.42 16.21 9.22
N GLY J 67 24.90 16.11 10.46
CA GLY J 67 24.54 17.12 11.45
C GLY J 67 24.96 18.51 11.06
N GLU J 68 26.14 18.64 10.43
CA GLU J 68 26.65 19.91 9.97
C GLU J 68 27.53 19.67 8.76
N VAL J 69 27.43 20.53 7.76
CA VAL J 69 28.19 20.40 6.51
C VAL J 69 28.76 21.76 6.16
N ASN J 70 30.05 21.79 5.83
CA ASN J 70 30.73 22.99 5.39
C ASN J 70 31.55 22.66 4.15
N THR J 71 31.38 23.46 3.10
CA THR J 71 32.06 23.24 1.83
C THR J 71 32.65 24.55 1.35
N TYR J 72 33.85 24.49 0.77
CA TYR J 72 34.55 25.64 0.24
C TYR J 72 35.05 25.29 -1.16
N ALA J 73 34.46 25.91 -2.18
CA ALA J 73 34.83 25.69 -3.56
C ALA J 73 35.11 27.02 -4.23
N GLY J 74 36.24 27.12 -4.93
CA GLY J 74 36.52 28.34 -5.67
C GLY J 74 35.54 28.54 -6.82
N ASP J 75 35.30 27.48 -7.60
CA ASP J 75 34.25 27.51 -8.62
C ASP J 75 34.13 26.11 -9.21
N LEU J 76 32.89 25.73 -9.55
CA LEU J 76 32.65 24.35 -9.95
C LEU J 76 33.27 24.04 -11.30
N GLN J 77 33.06 24.89 -12.31
CA GLN J 77 33.45 24.55 -13.67
C GLN J 77 34.02 25.79 -14.36
N LYS J 78 34.86 25.56 -15.36
CA LYS J 78 35.49 26.62 -16.12
C LYS J 78 35.74 26.13 -17.55
N LYS J 79 35.95 27.09 -18.44
CA LYS J 79 36.30 26.77 -19.83
C LYS J 79 37.02 27.97 -20.43
N LEU J 80 38.32 27.82 -20.65
CA LEU J 80 39.14 28.87 -21.24
C LEU J 80 39.62 28.43 -22.61
N VAL J 81 39.38 29.27 -23.62
CA VAL J 81 39.81 28.98 -24.98
C VAL J 81 40.87 29.99 -25.42
#